data_4O2T
#
_entry.id   4O2T
#
_cell.length_a   92.266
_cell.length_b   92.266
_cell.length_c   112.850
_cell.angle_alpha   90.000
_cell.angle_beta   90.000
_cell.angle_gamma   90.000
#
_symmetry.space_group_name_H-M   'P 43 21 2'
#
loop_
_entity.id
_entity.type
_entity.pdbx_description
1 polymer 'Uncharacterized protein'
2 water water
#
_entity_poly.entity_id   1
_entity_poly.type   'polypeptide(L)'
_entity_poly.pdbx_seq_one_letter_code
;GKSYTD(MSE)LKDEKKAIERFIDDKGLEILDDFPADSVFKENQFVLLDNGVYLNIIDKGSDQRAVQYKTK(MSE)LYRC
K(MSE)SYF(MSE)DSTIVAIENYGPHSNGTSPIAFTYGDYSKNSPYDPSYYYVSEG(MSE)QEPLKYVGDRAKVK
(MSE)IVPFKRGAYNDQSNGQPVYYEILEYIFEENL
;
_entity_poly.pdbx_strand_id   A,B
#
# COMPACT_ATOMS: atom_id res chain seq x y z
N GLY A 1 9.62 -36.58 -11.64
CA GLY A 1 8.91 -35.36 -12.14
C GLY A 1 9.05 -35.22 -13.64
N LYS A 2 8.33 -34.26 -14.18
CA LYS A 2 8.32 -33.98 -15.62
C LYS A 2 9.58 -33.17 -16.00
N SER A 3 10.27 -33.55 -17.09
CA SER A 3 11.47 -32.81 -17.53
C SER A 3 11.10 -31.36 -17.88
N TYR A 4 12.06 -30.45 -17.78
CA TYR A 4 11.85 -29.06 -18.22
C TYR A 4 11.32 -29.01 -19.67
N THR A 5 11.88 -29.86 -20.52
CA THR A 5 11.50 -29.96 -21.92
C THR A 5 10.05 -30.37 -22.17
N ASP A 6 9.58 -31.37 -21.43
CA ASP A 6 8.17 -31.80 -21.52
C ASP A 6 7.26 -30.71 -20.99
N MSE A 7 7.71 -29.99 -19.95
CA MSE A 7 6.92 -28.90 -19.39
C MSE A 7 6.76 -27.84 -20.46
O MSE A 7 5.65 -27.33 -20.66
CB MSE A 7 7.48 -28.34 -18.09
CG MSE A 7 7.32 -29.29 -16.91
SE MSE A 7 7.83 -28.43 -15.21
CE MSE A 7 9.81 -28.42 -15.27
N LEU A 8 7.84 -27.48 -21.15
CA LEU A 8 7.74 -26.46 -22.22
C LEU A 8 6.75 -26.88 -23.31
N LYS A 9 6.73 -28.19 -23.58
CA LYS A 9 5.89 -28.76 -24.63
C LYS A 9 4.41 -28.71 -24.25
N ASP A 10 4.06 -29.17 -23.05
CA ASP A 10 2.65 -29.09 -22.58
C ASP A 10 2.15 -27.66 -22.55
N GLU A 11 3.02 -26.73 -22.14
CA GLU A 11 2.65 -25.31 -22.14
C GLU A 11 2.46 -24.77 -23.55
N LYS A 12 3.40 -25.06 -24.46
CA LYS A 12 3.25 -24.62 -25.86
C LYS A 12 1.90 -25.05 -26.44
N LYS A 13 1.53 -26.31 -26.22
CA LYS A 13 0.26 -26.84 -26.70
C LYS A 13 -0.92 -26.12 -26.06
N ALA A 14 -0.87 -25.94 -24.74
CA ALA A 14 -1.96 -25.31 -23.98
C ALA A 14 -2.19 -23.86 -24.41
N ILE A 15 -1.11 -23.17 -24.78
CA ILE A 15 -1.19 -21.78 -25.25
C ILE A 15 -1.80 -21.69 -26.66
N GLU A 16 -1.38 -22.57 -27.57
CA GLU A 16 -1.98 -22.63 -28.91
C GLU A 16 -3.48 -22.95 -28.85
N ARG A 17 -3.84 -23.88 -27.97
CA ARG A 17 -5.24 -24.23 -27.71
C ARG A 17 -6.03 -23.03 -27.16
N PHE A 18 -5.43 -22.34 -26.20
CA PHE A 18 -6.05 -21.15 -25.59
C PHE A 18 -6.26 -20.03 -26.62
N ILE A 19 -5.24 -19.75 -27.43
CA ILE A 19 -5.34 -18.70 -28.50
C ILE A 19 -6.44 -19.02 -29.55
N ASP A 20 -6.41 -20.25 -30.03
CA ASP A 20 -7.41 -20.75 -30.94
C ASP A 20 -8.81 -20.72 -30.31
N ASP A 21 -8.97 -21.28 -29.09
CA ASP A 21 -10.28 -21.35 -28.42
CA ASP A 21 -10.28 -21.36 -28.39
C ASP A 21 -10.93 -19.98 -28.23
N LYS A 22 -10.12 -18.93 -28.12
CA LYS A 22 -10.60 -17.56 -27.90
C LYS A 22 -10.50 -16.66 -29.12
N GLY A 23 -10.02 -17.20 -30.23
CA GLY A 23 -9.99 -16.46 -31.49
C GLY A 23 -9.17 -15.21 -31.38
N LEU A 24 -7.92 -15.37 -30.92
CA LEU A 24 -7.02 -14.24 -30.70
C LEU A 24 -6.08 -14.04 -31.89
N GLU A 25 -5.68 -12.79 -32.10
CA GLU A 25 -4.80 -12.41 -33.21
C GLU A 25 -3.45 -11.98 -32.63
N ILE A 26 -2.40 -12.72 -32.98
CA ILE A 26 -1.06 -12.49 -32.43
C ILE A 26 -0.20 -11.60 -33.33
N LEU A 27 0.13 -10.41 -32.83
CA LEU A 27 0.96 -9.45 -33.57
C LEU A 27 2.46 -9.72 -33.34
N ASP A 28 3.29 -9.31 -34.31
CA ASP A 28 4.75 -9.39 -34.19
C ASP A 28 5.32 -8.14 -33.57
N ASP A 29 4.59 -7.04 -33.69
CA ASP A 29 5.08 -5.75 -33.26
C ASP A 29 3.94 -4.97 -32.60
N PHE A 30 4.28 -3.87 -31.95
CA PHE A 30 3.25 -3.02 -31.32
C PHE A 30 2.38 -2.35 -32.37
N PRO A 31 1.05 -2.41 -32.20
CA PRO A 31 0.18 -1.72 -33.15
C PRO A 31 0.28 -0.20 -33.04
N ALA A 32 -0.30 0.49 -34.01
CA ALA A 32 -0.23 1.95 -34.08
C ALA A 32 -0.74 2.58 -32.77
N ASP A 33 0.12 3.39 -32.14
CA ASP A 33 -0.20 4.17 -30.94
C ASP A 33 -0.43 3.35 -29.67
N SER A 34 -0.11 2.06 -29.71
CA SER A 34 -0.42 1.11 -28.61
C SER A 34 -1.95 0.98 -28.35
N VAL A 35 -2.73 1.06 -29.43
CA VAL A 35 -4.17 0.82 -29.39
C VAL A 35 -4.40 -0.62 -29.84
N PHE A 36 -5.14 -1.38 -29.04
CA PHE A 36 -5.41 -2.80 -29.32
C PHE A 36 -6.88 -3.03 -29.48
N LYS A 37 -7.23 -4.04 -30.27
CA LYS A 37 -8.61 -4.49 -30.31
C LYS A 37 -8.75 -5.57 -29.26
N GLU A 38 -9.96 -5.69 -28.72
CA GLU A 38 -10.30 -6.67 -27.66
C GLU A 38 -9.55 -8.00 -27.79
N ASN A 39 -9.40 -8.53 -29.00
CA ASN A 39 -8.82 -9.86 -29.17
C ASN A 39 -7.35 -9.91 -29.65
N GLN A 40 -6.67 -8.77 -29.70
CA GLN A 40 -5.26 -8.70 -30.16
C GLN A 40 -4.19 -8.75 -29.06
N PHE A 41 -3.18 -9.61 -29.20
CA PHE A 41 -2.08 -9.68 -28.24
C PHE A 41 -0.73 -9.63 -28.98
N VAL A 42 0.15 -8.72 -28.57
CA VAL A 42 1.54 -8.74 -29.08
C VAL A 42 2.38 -9.74 -28.29
N LEU A 43 3.23 -10.49 -29.00
CA LEU A 43 4.14 -11.47 -28.37
C LEU A 43 5.50 -10.82 -28.14
N LEU A 44 5.84 -10.58 -26.88
CA LEU A 44 7.06 -9.85 -26.51
C LEU A 44 8.28 -10.74 -26.58
N ASP A 45 9.47 -10.14 -26.61
CA ASP A 45 10.73 -10.89 -26.77
C ASP A 45 10.90 -11.95 -25.70
N ASN A 46 10.48 -11.63 -24.47
CA ASN A 46 10.62 -12.58 -23.36
C ASN A 46 9.53 -13.65 -23.27
N GLY A 47 8.59 -13.70 -24.21
CA GLY A 47 7.58 -14.76 -24.23
C GLY A 47 6.18 -14.44 -23.69
N VAL A 48 5.98 -13.24 -23.12
CA VAL A 48 4.64 -12.89 -22.63
C VAL A 48 3.82 -12.17 -23.69
N TYR A 49 2.53 -12.51 -23.73
CA TYR A 49 1.60 -11.95 -24.65
C TYR A 49 0.91 -10.80 -23.94
N LEU A 50 0.82 -9.65 -24.58
CA LEU A 50 0.25 -8.44 -24.00
C LEU A 50 -0.84 -7.78 -24.84
N ASN A 51 -1.91 -7.35 -24.17
CA ASN A 51 -2.92 -6.46 -24.72
C ASN A 51 -3.03 -5.28 -23.75
N ILE A 52 -2.96 -4.07 -24.26
CA ILE A 52 -3.19 -2.89 -23.48
C ILE A 52 -4.63 -2.46 -23.68
N ILE A 53 -5.40 -2.43 -22.60
CA ILE A 53 -6.77 -1.92 -22.59
C ILE A 53 -6.75 -0.39 -22.39
N ASP A 54 -5.91 0.05 -21.47
CA ASP A 54 -5.76 1.47 -21.11
C ASP A 54 -4.28 1.74 -20.81
N LYS A 55 -3.69 2.67 -21.56
CA LYS A 55 -2.27 2.96 -21.54
C LYS A 55 -1.83 3.70 -20.26
N GLY A 56 -2.79 4.27 -19.53
CA GLY A 56 -2.50 5.00 -18.30
C GLY A 56 -1.80 6.33 -18.54
N SER A 57 -1.15 6.85 -17.50
CA SER A 57 -0.44 8.11 -17.56
C SER A 57 0.90 7.98 -18.29
N ASP A 58 1.56 9.10 -18.54
CA ASP A 58 2.85 9.11 -19.25
C ASP A 58 4.01 8.66 -18.36
N GLN A 59 3.76 8.58 -17.06
CA GLN A 59 4.81 8.25 -16.11
C GLN A 59 5.26 6.80 -16.28
N ARG A 60 6.55 6.55 -16.11
CA ARG A 60 7.10 5.21 -16.24
C ARG A 60 7.79 4.82 -14.95
N ALA A 61 7.60 3.58 -14.53
CA ALA A 61 8.20 3.07 -13.33
C ALA A 61 9.72 2.89 -13.47
N VAL A 62 10.44 3.05 -12.37
CA VAL A 62 11.89 2.95 -12.35
C VAL A 62 12.29 1.67 -11.60
N GLN A 63 13.09 0.84 -12.24
CA GLN A 63 13.44 -0.44 -11.66
C GLN A 63 14.17 -0.24 -10.34
N TYR A 64 13.80 -1.06 -9.34
CA TYR A 64 14.38 -1.06 -7.97
C TYR A 64 13.94 0.12 -7.09
N LYS A 65 13.03 0.95 -7.61
CA LYS A 65 12.61 2.16 -6.91
C LYS A 65 11.09 2.32 -6.78
N THR A 66 10.35 2.23 -7.90
CA THR A 66 8.90 2.55 -7.88
C THR A 66 8.04 1.56 -7.08
N LYS A 67 7.33 2.08 -6.08
CA LYS A 67 6.44 1.28 -5.25
C LYS A 67 5.09 1.16 -5.95
N MSE A 68 4.67 -0.09 -6.19
CA MSE A 68 3.48 -0.40 -6.95
C MSE A 68 2.47 -1.20 -6.14
O MSE A 68 2.81 -1.84 -5.11
CB MSE A 68 3.82 -1.29 -8.12
CG MSE A 68 4.89 -0.72 -9.08
SE MSE A 68 4.23 0.86 -10.02
CE MSE A 68 2.58 0.10 -10.73
N LEU A 69 1.23 -1.11 -6.61
CA LEU A 69 0.13 -1.91 -6.16
C LEU A 69 -0.60 -2.42 -7.38
N TYR A 70 -1.20 -3.61 -7.31
CA TYR A 70 -1.99 -4.11 -8.43
C TYR A 70 -3.26 -4.82 -8.02
N ARG A 71 -4.24 -4.77 -8.92
CA ARG A 71 -5.49 -5.53 -8.79
C ARG A 71 -5.65 -6.29 -10.10
N CYS A 72 -6.15 -7.52 -10.03
CA CYS A 72 -6.27 -8.34 -11.21
C CYS A 72 -7.23 -9.48 -11.02
N LYS A 73 -7.57 -10.11 -12.15
CA LYS A 73 -8.16 -11.44 -12.14
C LYS A 73 -7.18 -12.33 -12.90
N MSE A 74 -6.64 -13.37 -12.23
CA MSE A 74 -5.65 -14.28 -12.80
C MSE A 74 -6.15 -15.70 -12.69
O MSE A 74 -6.63 -16.14 -11.63
CB MSE A 74 -4.31 -14.15 -12.07
CG MSE A 74 -3.25 -15.11 -12.65
SE MSE A 74 -1.52 -14.95 -11.75
CE MSE A 74 -1.75 -16.57 -10.70
N SER A 75 -5.98 -16.45 -13.78
CA SER A 75 -6.55 -17.79 -13.89
C SER A 75 -5.55 -18.73 -14.50
N TYR A 76 -5.70 -20.01 -14.16
CA TYR A 76 -5.00 -21.09 -14.85
C TYR A 76 -5.83 -21.50 -16.06
N PHE A 77 -5.21 -22.19 -17.00
CA PHE A 77 -5.93 -22.70 -18.15
C PHE A 77 -5.42 -24.03 -18.72
N MSE A 78 -4.17 -24.42 -18.45
CA MSE A 78 -3.63 -25.66 -19.03
C MSE A 78 -4.36 -26.90 -18.56
O MSE A 78 -4.93 -27.62 -19.37
CB MSE A 78 -2.12 -25.73 -18.78
CG MSE A 78 -1.55 -27.08 -19.25
SE MSE A 78 0.42 -26.99 -19.27
CE MSE A 78 0.58 -27.42 -17.35
N ASP A 79 -4.40 -27.15 -17.25
CA ASP A 79 -5.03 -28.36 -16.69
C ASP A 79 -6.40 -28.08 -16.06
N SER A 80 -6.76 -26.80 -15.89
CA SER A 80 -8.02 -26.43 -15.24
C SER A 80 -8.30 -24.97 -15.53
N THR A 81 -9.47 -24.49 -15.09
CA THR A 81 -9.90 -23.10 -15.24
C THR A 81 -9.95 -22.32 -13.90
N ILE A 82 -9.31 -22.86 -12.88
CA ILE A 82 -9.29 -22.26 -11.54
C ILE A 82 -8.82 -20.79 -11.56
N VAL A 83 -9.63 -19.94 -10.93
CA VAL A 83 -9.27 -18.55 -10.67
C VAL A 83 -8.37 -18.49 -9.44
N ALA A 84 -7.18 -17.93 -9.58
CA ALA A 84 -6.20 -17.90 -8.48
C ALA A 84 -6.21 -16.59 -7.69
N ILE A 85 -6.39 -15.47 -8.39
CA ILE A 85 -6.45 -14.17 -7.76
C ILE A 85 -7.67 -13.47 -8.31
N GLU A 86 -8.45 -12.84 -7.44
CA GLU A 86 -9.56 -12.03 -7.90
C GLU A 86 -9.74 -10.82 -6.98
N ASN A 87 -8.93 -9.79 -7.22
CA ASN A 87 -9.06 -8.56 -6.47
C ASN A 87 -9.32 -7.35 -7.37
N TYR A 88 -9.92 -7.63 -8.53
CA TYR A 88 -10.47 -6.62 -9.43
C TYR A 88 -11.89 -6.99 -9.79
N GLY A 89 -12.74 -5.97 -9.97
CA GLY A 89 -14.03 -6.18 -10.61
C GLY A 89 -15.17 -6.34 -9.64
N PRO A 90 -16.36 -6.65 -10.17
CA PRO A 90 -17.59 -6.58 -9.36
C PRO A 90 -17.57 -7.50 -8.12
N HIS A 91 -16.96 -8.67 -8.24
CA HIS A 91 -16.91 -9.66 -7.15
C HIS A 91 -15.69 -9.54 -6.24
N SER A 92 -15.00 -8.40 -6.32
CA SER A 92 -13.79 -8.21 -5.54
C SER A 92 -14.07 -7.23 -4.42
N ASN A 93 -15.25 -7.30 -3.83
CA ASN A 93 -15.65 -6.35 -2.82
C ASN A 93 -14.90 -6.64 -1.52
N GLY A 94 -14.32 -5.61 -0.91
CA GLY A 94 -13.55 -5.78 0.34
C GLY A 94 -12.08 -6.19 0.20
N THR A 95 -11.63 -6.50 -1.01
CA THR A 95 -10.23 -6.86 -1.21
C THR A 95 -9.35 -5.63 -1.34
N SER A 96 -8.07 -5.80 -1.06
CA SER A 96 -7.10 -4.73 -1.26
C SER A 96 -6.17 -5.11 -2.39
N PRO A 97 -5.43 -4.13 -2.90
CA PRO A 97 -4.45 -4.47 -3.91
C PRO A 97 -3.26 -5.19 -3.31
N ILE A 98 -2.45 -5.80 -4.17
CA ILE A 98 -1.24 -6.50 -3.79
C ILE A 98 -0.06 -5.59 -4.06
N ALA A 99 0.89 -5.56 -3.12
CA ALA A 99 2.05 -4.64 -3.16
C ALA A 99 3.32 -5.29 -3.73
N PHE A 100 4.12 -4.51 -4.44
CA PHE A 100 5.46 -4.92 -4.77
C PHE A 100 6.24 -3.67 -5.18
N THR A 101 7.56 -3.79 -5.27
CA THR A 101 8.42 -2.75 -5.84
C THR A 101 8.89 -3.26 -7.22
N TYR A 102 8.84 -2.38 -8.23
CA TYR A 102 9.20 -2.76 -9.59
C TYR A 102 10.64 -3.21 -9.56
N GLY A 103 10.88 -4.42 -10.00
CA GLY A 103 12.21 -5.01 -9.97
C GLY A 103 12.31 -6.19 -9.01
N ASP A 104 11.30 -6.35 -8.15
CA ASP A 104 11.27 -7.47 -7.21
C ASP A 104 11.30 -8.79 -7.98
N TYR A 105 11.85 -9.84 -7.36
CA TYR A 105 11.87 -11.16 -7.94
C TYR A 105 11.02 -12.11 -7.10
N SER A 106 10.63 -13.25 -7.69
CA SER A 106 9.80 -14.22 -6.97
C SER A 106 10.68 -15.17 -6.18
N LYS A 107 10.59 -15.09 -4.85
CA LYS A 107 11.40 -15.91 -3.98
C LYS A 107 10.89 -17.34 -3.98
N ASN A 108 11.78 -18.29 -3.67
CA ASN A 108 11.44 -19.70 -3.71
C ASN A 108 10.97 -20.31 -2.36
N SER A 109 10.84 -19.50 -1.32
CA SER A 109 10.18 -19.93 -0.07
C SER A 109 8.66 -19.87 -0.23
N PRO A 110 7.95 -20.99 0.00
CA PRO A 110 6.47 -20.97 -0.05
C PRO A 110 5.76 -20.17 1.06
N TYR A 111 6.54 -19.61 1.96
CA TYR A 111 6.02 -18.81 3.08
C TYR A 111 6.19 -17.29 2.84
N ASP A 112 6.70 -16.91 1.67
CA ASP A 112 6.86 -15.50 1.28
C ASP A 112 5.82 -15.23 0.22
N PRO A 113 5.11 -14.10 0.34
CA PRO A 113 4.09 -13.81 -0.66
C PRO A 113 4.64 -13.72 -2.11
N SER A 114 5.92 -13.37 -2.27
CA SER A 114 6.42 -13.14 -3.62
C SER A 114 6.45 -14.45 -4.43
N TYR A 115 6.50 -15.57 -3.70
CA TYR A 115 6.44 -16.90 -4.29
C TYR A 115 5.20 -17.08 -5.14
N TYR A 116 4.10 -16.43 -4.75
CA TYR A 116 2.83 -16.55 -5.47
C TYR A 116 2.45 -15.30 -6.27
N TYR A 117 2.87 -14.11 -5.83
CA TYR A 117 2.22 -12.85 -6.24
C TYR A 117 3.13 -11.88 -7.04
N VAL A 118 4.38 -12.25 -7.29
CA VAL A 118 5.34 -11.44 -8.00
C VAL A 118 5.96 -12.28 -9.12
N SER A 119 6.19 -11.67 -10.29
CA SER A 119 6.86 -12.38 -11.39
C SER A 119 7.47 -11.37 -12.34
N GLU A 120 8.41 -11.80 -13.18
CA GLU A 120 8.98 -10.96 -14.25
C GLU A 120 7.86 -10.61 -15.26
N GLY A 121 7.05 -11.59 -15.60
CA GLY A 121 5.92 -11.40 -16.50
C GLY A 121 4.85 -10.39 -16.09
N MSE A 122 4.41 -10.46 -14.85
CA MSE A 122 3.40 -9.49 -14.36
C MSE A 122 3.90 -8.06 -14.51
O MSE A 122 3.11 -7.15 -14.74
CB MSE A 122 3.10 -9.83 -12.90
CG MSE A 122 2.05 -8.92 -12.33
SE MSE A 122 2.89 -7.40 -11.46
CE MSE A 122 3.75 -8.36 -10.00
N GLN A 123 5.20 -7.86 -14.38
CA GLN A 123 5.85 -6.55 -14.41
C GLN A 123 6.30 -6.03 -15.79
N GLU A 124 6.41 -6.89 -16.79
CA GLU A 124 6.88 -6.47 -18.13
C GLU A 124 6.21 -5.27 -18.74
N PRO A 125 4.86 -5.20 -18.67
CA PRO A 125 4.15 -4.07 -19.27
C PRO A 125 4.53 -2.69 -18.73
N LEU A 126 5.21 -2.65 -17.59
CA LEU A 126 5.63 -1.38 -17.03
C LEU A 126 6.74 -0.68 -17.84
N LYS A 127 7.30 -1.39 -18.81
CA LYS A 127 8.11 -0.74 -19.85
C LYS A 127 7.27 0.17 -20.77
N TYR A 128 5.99 -0.11 -20.88
CA TYR A 128 5.13 0.53 -21.90
C TYR A 128 3.90 1.28 -21.37
N VAL A 129 3.50 1.08 -20.12
CA VAL A 129 2.30 1.75 -19.58
C VAL A 129 2.56 2.46 -18.26
N GLY A 130 1.61 3.31 -17.86
CA GLY A 130 1.77 4.16 -16.69
C GLY A 130 0.73 3.95 -15.61
N ASP A 131 0.52 4.97 -14.78
CA ASP A 131 -0.34 4.86 -13.61
C ASP A 131 -1.79 4.64 -14.04
N ARG A 132 -2.46 3.70 -13.36
CA ARG A 132 -3.87 3.34 -13.62
CA ARG A 132 -3.87 3.36 -13.61
C ARG A 132 -4.10 2.66 -14.96
N ALA A 133 -3.01 2.24 -15.60
CA ALA A 133 -3.08 1.47 -16.83
C ALA A 133 -3.76 0.13 -16.57
N LYS A 134 -4.33 -0.45 -17.62
CA LYS A 134 -5.02 -1.74 -17.52
C LYS A 134 -4.57 -2.60 -18.67
N VAL A 135 -4.30 -3.88 -18.40
CA VAL A 135 -3.74 -4.80 -19.39
C VAL A 135 -4.28 -6.20 -19.23
N LYS A 136 -4.08 -7.00 -20.27
CA LYS A 136 -4.41 -8.45 -20.30
C LYS A 136 -3.15 -9.17 -20.72
N MSE A 137 -2.89 -10.34 -20.14
CA MSE A 137 -1.64 -11.04 -20.44
C MSE A 137 -1.75 -12.52 -20.35
O MSE A 137 -2.51 -13.06 -19.54
CB MSE A 137 -0.56 -10.73 -19.43
CG MSE A 137 0.02 -9.34 -19.51
SE MSE A 137 1.25 -9.20 -17.98
CE MSE A 137 0.03 -8.63 -16.59
N ILE A 138 -0.97 -13.21 -21.19
CA ILE A 138 -0.65 -14.60 -21.00
C ILE A 138 0.83 -14.62 -20.63
N VAL A 139 1.14 -15.26 -19.50
CA VAL A 139 2.50 -15.28 -18.96
C VAL A 139 2.94 -16.71 -18.85
N PRO A 140 3.97 -17.10 -19.62
CA PRO A 140 4.45 -18.48 -19.53
C PRO A 140 5.26 -18.67 -18.26
N PHE A 141 5.39 -19.92 -17.85
CA PHE A 141 5.91 -20.23 -16.54
C PHE A 141 7.35 -19.80 -16.28
N LYS A 142 8.18 -19.73 -17.31
CA LYS A 142 9.58 -19.26 -17.22
C LYS A 142 9.68 -17.81 -16.70
N ARG A 143 8.62 -17.03 -16.95
CA ARG A 143 8.51 -15.64 -16.53
C ARG A 143 7.44 -15.48 -15.40
N GLY A 144 6.99 -16.59 -14.81
CA GLY A 144 5.90 -16.56 -13.85
C GLY A 144 6.41 -16.56 -12.42
N ALA A 145 5.48 -16.71 -11.49
CA ALA A 145 5.81 -16.74 -10.08
C ALA A 145 6.43 -18.10 -9.79
N TYR A 146 7.24 -18.18 -8.75
CA TYR A 146 7.97 -19.40 -8.45
C TYR A 146 7.01 -20.57 -8.32
N ASN A 147 5.90 -20.34 -7.64
CA ASN A 147 4.82 -21.32 -7.55
C ASN A 147 4.55 -21.93 -8.95
N ASP A 148 4.41 -21.08 -9.94
CA ASP A 148 4.05 -21.51 -11.29
C ASP A 148 5.26 -22.05 -12.09
N GLN A 149 6.46 -21.49 -11.90
CA GLN A 149 7.69 -22.03 -12.50
C GLN A 149 7.86 -23.51 -12.16
N SER A 150 7.64 -23.81 -10.90
CA SER A 150 7.86 -25.14 -10.39
C SER A 150 6.89 -26.13 -10.94
N ASN A 151 5.63 -25.71 -11.12
CA ASN A 151 4.59 -26.60 -11.64
C ASN A 151 4.38 -26.50 -13.14
N GLY A 152 5.22 -25.71 -13.84
CA GLY A 152 5.10 -25.54 -15.29
C GLY A 152 3.79 -24.90 -15.75
N GLN A 153 3.22 -24.00 -14.95
CA GLN A 153 1.90 -23.46 -15.22
C GLN A 153 1.98 -22.07 -15.83
N PRO A 154 1.42 -21.89 -17.04
CA PRO A 154 1.19 -20.55 -17.55
C PRO A 154 -0.04 -20.00 -16.88
N VAL A 155 -0.17 -18.69 -16.83
CA VAL A 155 -1.34 -18.04 -16.27
C VAL A 155 -1.92 -17.02 -17.25
N TYR A 156 -3.21 -16.76 -17.11
CA TYR A 156 -3.90 -15.75 -17.90
C TYR A 156 -4.42 -14.66 -16.97
N TYR A 157 -3.97 -13.44 -17.20
CA TYR A 157 -4.57 -12.27 -16.55
C TYR A 157 -5.67 -11.73 -17.46
N GLU A 158 -6.91 -11.99 -17.08
CA GLU A 158 -8.07 -11.46 -17.77
C GLU A 158 -8.09 -9.92 -17.70
N ILE A 159 -7.59 -9.37 -16.61
CA ILE A 159 -7.50 -7.92 -16.45
C ILE A 159 -6.53 -7.66 -15.30
N LEU A 160 -5.74 -6.59 -15.44
CA LEU A 160 -4.83 -6.17 -14.40
C LEU A 160 -4.66 -4.66 -14.42
N GLU A 161 -4.77 -4.03 -13.25
CA GLU A 161 -4.64 -2.59 -13.11
C GLU A 161 -3.43 -2.30 -12.24
N TYR A 162 -2.58 -1.37 -12.69
CA TYR A 162 -1.40 -0.92 -11.93
C TYR A 162 -1.69 0.39 -11.23
N ILE A 163 -1.22 0.49 -9.99
CA ILE A 163 -1.37 1.70 -9.19
C ILE A 163 -0.01 2.13 -8.66
N PHE A 164 0.40 3.37 -8.96
CA PHE A 164 1.68 3.89 -8.45
C PHE A 164 1.44 4.43 -7.04
N GLU A 165 2.13 3.89 -6.06
CA GLU A 165 1.88 4.26 -4.66
C GLU A 165 2.27 5.71 -4.38
N GLU A 166 3.28 6.23 -5.10
CA GLU A 166 3.74 7.58 -4.87
C GLU A 166 2.73 8.67 -5.26
N ASN A 167 1.73 8.34 -6.06
CA ASN A 167 0.69 9.30 -6.44
C ASN A 167 -0.59 9.19 -5.61
N LEU A 168 -0.60 8.32 -4.60
CA LEU A 168 -1.74 8.23 -3.69
C LEU A 168 -1.81 9.41 -2.74
N GLY B 1 21.35 6.53 33.24
CA GLY B 1 20.10 6.64 32.42
C GLY B 1 18.94 7.10 33.26
N LYS B 2 17.85 7.45 32.58
CA LYS B 2 16.72 8.12 33.22
C LYS B 2 15.59 7.20 33.70
N SER B 3 15.14 7.37 34.95
CA SER B 3 14.03 6.55 35.48
C SER B 3 12.75 6.79 34.69
N TYR B 4 11.85 5.81 34.64
CA TYR B 4 10.56 5.99 33.99
C TYR B 4 9.84 7.25 34.51
N THR B 5 9.93 7.45 35.82
CA THR B 5 9.33 8.59 36.50
C THR B 5 9.85 9.95 36.03
N ASP B 6 11.17 10.06 35.85
CA ASP B 6 11.75 11.30 35.36
C ASP B 6 11.35 11.50 33.91
N MSE B 7 11.25 10.42 33.15
CA MSE B 7 10.85 10.49 31.74
C MSE B 7 9.44 11.06 31.66
O MSE B 7 9.18 11.97 30.86
CB MSE B 7 10.98 9.16 31.00
CG MSE B 7 12.44 8.75 30.76
SE MSE B 7 12.53 7.13 29.63
CE MSE B 7 12.05 5.65 30.75
N LEU B 8 8.53 10.57 32.51
CA LEU B 8 7.14 11.11 32.52
C LEU B 8 7.12 12.60 32.84
N LYS B 9 8.03 13.00 33.73
CA LYS B 9 8.08 14.37 34.23
C LYS B 9 8.57 15.30 33.13
N ASP B 10 9.68 14.94 32.47
CA ASP B 10 10.20 15.76 31.36
C ASP B 10 9.16 15.91 30.25
N GLU B 11 8.43 14.84 29.97
CA GLU B 11 7.37 14.89 28.96
C GLU B 11 6.21 15.79 29.38
N LYS B 12 5.75 15.64 30.62
CA LYS B 12 4.66 16.51 31.12
C LYS B 12 5.02 17.99 30.93
N LYS B 13 6.25 18.34 31.29
CA LYS B 13 6.71 19.73 31.17
C LYS B 13 6.78 20.19 29.71
N ALA B 14 7.32 19.32 28.86
CA ALA B 14 7.47 19.63 27.43
C ALA B 14 6.14 19.83 26.71
N ILE B 15 5.13 19.08 27.14
CA ILE B 15 3.78 19.21 26.59
C ILE B 15 3.10 20.51 27.01
N GLU B 16 3.20 20.86 28.30
CA GLU B 16 2.65 22.14 28.79
C GLU B 16 3.32 23.35 28.08
N ARG B 17 4.64 23.27 27.89
CA ARG B 17 5.40 24.26 27.14
CA ARG B 17 5.39 24.29 27.15
C ARG B 17 4.91 24.36 25.69
N PHE B 18 4.74 23.21 25.06
CA PHE B 18 4.27 23.14 23.69
C PHE B 18 2.85 23.71 23.52
N ILE B 19 1.93 23.34 24.41
CA ILE B 19 0.55 23.88 24.39
C ILE B 19 0.52 25.41 24.56
N ASP B 20 1.24 25.88 25.58
CA ASP B 20 1.36 27.29 25.86
C ASP B 20 2.02 28.03 24.67
N ASP B 21 3.17 27.53 24.18
CA ASP B 21 3.94 28.18 23.07
C ASP B 21 3.09 28.38 21.82
N LYS B 22 2.11 27.50 21.60
CA LYS B 22 1.28 27.54 20.41
C LYS B 22 -0.12 28.04 20.68
N GLY B 23 -0.43 28.40 21.92
CA GLY B 23 -1.72 28.98 22.26
C GLY B 23 -2.87 28.06 21.92
N LEU B 24 -2.80 26.83 22.43
CA LEU B 24 -3.82 25.82 22.14
C LEU B 24 -4.85 25.74 23.26
N GLU B 25 -6.06 25.35 22.89
CA GLU B 25 -7.20 25.27 23.80
C GLU B 25 -7.57 23.79 23.97
N ILE B 26 -7.43 23.29 25.19
CA ILE B 26 -7.65 21.88 25.49
C ILE B 26 -9.09 21.60 25.98
N LEU B 27 -9.84 20.84 25.20
CA LEU B 27 -11.22 20.46 25.53
C LEU B 27 -11.26 19.18 26.39
N ASP B 28 -12.32 19.03 27.18
CA ASP B 28 -12.54 17.80 27.98
C ASP B 28 -13.34 16.78 27.21
N ASP B 29 -14.14 17.27 26.25
CA ASP B 29 -15.06 16.41 25.52
CA ASP B 29 -15.09 16.44 25.54
C ASP B 29 -15.04 16.81 24.04
N PHE B 30 -15.63 15.98 23.20
CA PHE B 30 -15.71 16.31 21.78
C PHE B 30 -16.58 17.51 21.54
N PRO B 31 -16.10 18.48 20.73
CA PRO B 31 -16.96 19.61 20.38
C PRO B 31 -18.14 19.22 19.49
N ALA B 32 -19.07 20.16 19.34
CA ALA B 32 -20.29 19.91 18.59
C ALA B 32 -19.95 19.44 17.17
N ASP B 33 -20.47 18.26 16.82
CA ASP B 33 -20.37 17.68 15.47
C ASP B 33 -18.96 17.24 15.07
N SER B 34 -18.03 17.20 16.01
CA SER B 34 -16.60 16.95 15.72
C SER B 34 -15.95 18.02 14.78
N VAL B 35 -16.42 19.26 14.92
CA VAL B 35 -15.85 20.42 14.22
C VAL B 35 -14.89 21.09 15.18
N PHE B 36 -13.66 21.33 14.74
CA PHE B 36 -12.61 21.91 15.58
C PHE B 36 -12.13 23.21 14.98
N LYS B 37 -11.67 24.10 15.83
CA LYS B 37 -10.98 25.29 15.35
C LYS B 37 -9.51 24.94 15.28
N GLU B 38 -8.81 25.59 14.35
CA GLU B 38 -7.38 25.39 14.10
CA GLU B 38 -7.38 25.37 14.10
C GLU B 38 -6.57 25.08 15.36
N ASN B 39 -6.84 25.78 16.46
CA ASN B 39 -6.02 25.63 17.68
C ASN B 39 -6.62 24.77 18.81
N GLN B 40 -7.73 24.08 18.56
CA GLN B 40 -8.39 23.23 19.59
C GLN B 40 -8.04 21.73 19.57
N PHE B 41 -7.66 21.18 20.71
CA PHE B 41 -7.35 19.74 20.82
C PHE B 41 -8.12 19.10 21.98
N VAL B 42 -8.85 18.02 21.72
CA VAL B 42 -9.47 17.25 22.81
C VAL B 42 -8.46 16.28 23.41
N LEU B 43 -8.45 16.15 24.74
CA LEU B 43 -7.54 15.23 25.43
C LEU B 43 -8.28 13.93 25.69
N LEU B 44 -7.86 12.87 25.00
CA LEU B 44 -8.57 11.59 25.05
C LEU B 44 -8.19 10.82 26.31
N ASP B 45 -8.97 9.79 26.66
CA ASP B 45 -8.76 9.03 27.90
C ASP B 45 -7.38 8.43 27.98
N ASN B 46 -6.85 7.98 26.84
CA ASN B 46 -5.52 7.37 26.82
C ASN B 46 -4.34 8.34 26.75
N GLY B 47 -4.59 9.65 26.78
CA GLY B 47 -3.50 10.64 26.85
C GLY B 47 -3.13 11.37 25.56
N VAL B 48 -3.73 10.99 24.43
CA VAL B 48 -3.41 11.68 23.18
C VAL B 48 -4.34 12.84 22.95
N TYR B 49 -3.76 13.93 22.45
CA TYR B 49 -4.51 15.12 22.12
C TYR B 49 -4.86 15.05 20.63
N LEU B 50 -6.12 15.31 20.30
CA LEU B 50 -6.62 15.19 18.92
C LEU B 50 -7.34 16.45 18.42
N ASN B 51 -7.04 16.82 17.18
CA ASN B 51 -7.80 17.80 16.41
C ASN B 51 -8.17 17.13 15.10
N ILE B 52 -9.44 17.19 14.73
CA ILE B 52 -9.88 16.70 13.45
C ILE B 52 -9.97 17.90 12.52
N ILE B 53 -9.20 17.86 11.44
CA ILE B 53 -9.27 18.84 10.37
C ILE B 53 -10.39 18.46 9.39
N ASP B 54 -10.46 17.18 9.05
CA ASP B 54 -11.42 16.64 8.10
C ASP B 54 -11.84 15.24 8.59
N LYS B 55 -13.14 15.07 8.80
CA LYS B 55 -13.72 13.87 9.40
C LYS B 55 -13.72 12.65 8.44
N GLY B 56 -13.53 12.89 7.15
CA GLY B 56 -13.52 11.84 6.14
C GLY B 56 -14.87 11.23 5.90
N SER B 57 -14.87 10.02 5.34
CA SER B 57 -16.11 9.29 5.03
C SER B 57 -16.75 8.70 6.30
N ASP B 58 -17.94 8.14 6.15
CA ASP B 58 -18.68 7.53 7.27
C ASP B 58 -18.15 6.15 7.63
N GLN B 59 -17.31 5.58 6.77
CA GLN B 59 -16.77 4.24 7.00
C GLN B 59 -15.83 4.23 8.21
N ARG B 60 -15.89 3.15 8.99
CA ARG B 60 -15.03 2.98 10.16
C ARG B 60 -14.19 1.71 10.03
N ALA B 61 -12.93 1.81 10.41
CA ALA B 61 -12.02 0.68 10.33
C ALA B 61 -12.34 -0.39 11.38
N VAL B 62 -12.01 -1.64 11.05
CA VAL B 62 -12.31 -2.79 11.90
C VAL B 62 -10.99 -3.35 12.41
N GLN B 63 -10.89 -3.50 13.72
CA GLN B 63 -9.67 -3.91 14.34
C GLN B 63 -9.29 -5.30 13.84
N TYR B 64 -8.00 -5.48 13.54
CA TYR B 64 -7.39 -6.74 13.05
C TYR B 64 -7.71 -7.09 11.60
N LYS B 65 -8.43 -6.19 10.92
CA LYS B 65 -8.88 -6.45 9.55
C LYS B 65 -8.54 -5.34 8.53
N THR B 66 -8.89 -4.10 8.82
CA THR B 66 -8.77 -3.03 7.82
C THR B 66 -7.33 -2.68 7.46
N LYS B 67 -7.01 -2.79 6.17
CA LYS B 67 -5.70 -2.42 5.68
C LYS B 67 -5.64 -0.92 5.41
N MSE B 68 -4.67 -0.26 6.05
CA MSE B 68 -4.54 1.20 6.01
C MSE B 68 -3.21 1.61 5.42
O MSE B 68 -2.20 0.85 5.42
CB MSE B 68 -4.55 1.76 7.43
CG MSE B 68 -5.80 1.41 8.25
SE MSE B 68 -7.40 2.22 7.51
CE MSE B 68 -6.78 4.08 7.43
N LEU B 69 -3.20 2.85 4.95
CA LEU B 69 -2.03 3.59 4.54
C LEU B 69 -2.12 4.99 5.18
N TYR B 70 -0.99 5.59 5.50
CA TYR B 70 -1.01 6.96 6.02
C TYR B 70 0.11 7.82 5.47
N ARG B 71 -0.17 9.12 5.40
CA ARG B 71 0.82 10.15 5.09
C ARG B 71 0.76 11.16 6.22
N CYS B 72 1.90 11.73 6.60
CA CYS B 72 1.92 12.66 7.69
C CYS B 72 3.18 13.48 7.72
N LYS B 73 3.17 14.52 8.55
CA LYS B 73 4.39 15.18 8.99
C LYS B 73 4.44 15.02 10.50
N MSE B 74 5.49 14.35 11.01
CA MSE B 74 5.64 14.04 12.44
C MSE B 74 6.96 14.55 12.94
O MSE B 74 8.01 14.34 12.33
CB MSE B 74 5.56 12.53 12.72
CG MSE B 74 5.71 12.17 14.19
SE MSE B 74 5.53 10.23 14.54
CE MSE B 74 7.48 10.02 14.73
N SER B 75 6.92 15.21 14.09
CA SER B 75 8.07 15.94 14.61
C SER B 75 8.23 15.72 16.09
N TYR B 76 9.47 15.82 16.53
CA TYR B 76 9.81 15.88 17.93
C TYR B 76 9.70 17.33 18.38
N PHE B 77 9.56 17.54 19.69
CA PHE B 77 9.51 18.88 20.25
C PHE B 77 10.13 19.04 21.66
N MSE B 78 10.28 17.97 22.42
CA MSE B 78 10.84 18.09 23.77
C MSE B 78 12.27 18.58 23.79
O MSE B 78 12.55 19.62 24.37
CB MSE B 78 10.66 16.76 24.51
CG MSE B 78 11.32 16.81 25.88
SE MSE B 78 10.80 15.23 26.94
CE MSE B 78 12.11 14.01 26.15
N ASP B 79 13.20 17.87 23.16
CA ASP B 79 14.63 18.21 23.18
C ASP B 79 15.11 18.84 21.88
N SER B 80 14.26 18.83 20.86
CA SER B 80 14.62 19.37 19.54
C SER B 80 13.38 19.53 18.70
N THR B 81 13.52 20.08 17.49
CA THR B 81 12.39 20.21 16.54
C THR B 81 12.53 19.31 15.29
N ILE B 82 13.36 18.27 15.38
CA ILE B 82 13.62 17.34 14.28
C ILE B 82 12.33 16.71 13.70
N VAL B 83 12.22 16.79 12.38
CA VAL B 83 11.14 16.15 11.63
C VAL B 83 11.52 14.70 11.41
N ALA B 84 10.68 13.76 11.85
CA ALA B 84 10.99 12.33 11.77
C ALA B 84 10.36 11.62 10.56
N ILE B 85 9.17 12.07 10.19
CA ILE B 85 8.48 11.55 9.00
C ILE B 85 7.93 12.74 8.24
N GLU B 86 8.14 12.74 6.94
CA GLU B 86 7.56 13.78 6.09
C GLU B 86 7.14 13.21 4.74
N ASN B 87 5.97 12.60 4.73
CA ASN B 87 5.43 12.07 3.49
C ASN B 87 4.04 12.63 3.19
N TYR B 88 3.82 13.85 3.69
CA TYR B 88 2.66 14.67 3.31
C TYR B 88 3.15 16.09 2.98
N GLY B 89 2.48 16.75 2.04
CA GLY B 89 2.64 18.18 1.85
C GLY B 89 3.61 18.55 0.76
N PRO B 90 3.87 19.86 0.59
CA PRO B 90 4.61 20.36 -0.57
C PRO B 90 6.02 19.75 -0.74
N HIS B 91 6.71 19.52 0.37
CA HIS B 91 8.08 18.99 0.35
C HIS B 91 8.15 17.45 0.38
N SER B 92 7.04 16.76 0.14
CA SER B 92 6.99 15.29 0.19
C SER B 92 6.93 14.71 -1.21
N ASN B 93 7.63 15.33 -2.15
CA ASN B 93 7.52 14.92 -3.53
C ASN B 93 8.24 13.59 -3.73
N GLY B 94 7.59 12.62 -4.38
CA GLY B 94 8.20 11.29 -4.61
C GLY B 94 8.03 10.26 -3.49
N THR B 95 7.45 10.65 -2.36
CA THR B 95 7.24 9.70 -1.26
C THR B 95 5.96 8.92 -1.39
N SER B 96 5.92 7.75 -0.74
CA SER B 96 4.73 6.90 -0.70
C SER B 96 4.18 6.88 0.71
N PRO B 97 2.94 6.41 0.87
CA PRO B 97 2.41 6.27 2.21
C PRO B 97 3.01 5.08 2.93
N ILE B 98 2.77 5.03 4.23
CA ILE B 98 3.24 3.97 5.08
C ILE B 98 2.08 3.05 5.38
N ALA B 99 2.33 1.74 5.33
CA ALA B 99 1.30 0.71 5.48
C ALA B 99 1.16 0.12 6.88
N PHE B 100 -0.05 -0.20 7.28
CA PHE B 100 -0.29 -0.98 8.49
C PHE B 100 -1.69 -1.57 8.43
N THR B 101 -1.96 -2.54 9.29
CA THR B 101 -3.31 -3.01 9.52
C THR B 101 -3.79 -2.48 10.90
N TYR B 102 -5.01 -1.96 10.94
CA TYR B 102 -5.60 -1.38 12.17
C TYR B 102 -5.62 -2.48 13.20
N GLY B 103 -4.93 -2.24 14.31
CA GLY B 103 -4.81 -3.25 15.36
C GLY B 103 -3.39 -3.73 15.54
N ASP B 104 -2.49 -3.38 14.59
CA ASP B 104 -1.09 -3.72 14.69
C ASP B 104 -0.50 -3.07 15.92
N TYR B 105 0.54 -3.68 16.50
CA TYR B 105 1.25 -3.11 17.64
C TYR B 105 2.67 -2.79 17.22
N SER B 106 3.36 -1.94 18.00
CA SER B 106 4.74 -1.58 17.68
C SER B 106 5.68 -2.61 18.29
N LYS B 107 6.36 -3.36 17.43
CA LYS B 107 7.26 -4.40 17.87
C LYS B 107 8.54 -3.79 18.43
N ASN B 108 9.23 -4.54 19.28
CA ASN B 108 10.40 -4.03 19.97
C ASN B 108 11.75 -4.37 19.30
N SER B 109 11.70 -5.03 18.14
CA SER B 109 12.91 -5.23 17.31
C SER B 109 13.20 -3.95 16.51
N PRO B 110 14.42 -3.39 16.63
CA PRO B 110 14.78 -2.20 15.83
C PRO B 110 14.97 -2.45 14.32
N TYR B 111 14.75 -3.69 13.89
CA TYR B 111 14.86 -4.08 12.48
C TYR B 111 13.49 -4.23 11.83
N ASP B 112 12.42 -4.00 12.59
CA ASP B 112 11.06 -4.08 12.06
C ASP B 112 10.54 -2.69 11.90
N PRO B 113 9.87 -2.40 10.79
CA PRO B 113 9.39 -1.03 10.62
C PRO B 113 8.39 -0.60 11.70
N SER B 114 7.68 -1.55 12.31
CA SER B 114 6.59 -1.15 13.22
C SER B 114 7.19 -0.48 14.47
N TYR B 115 8.46 -0.78 14.74
CA TYR B 115 9.22 -0.18 15.83
C TYR B 115 9.25 1.33 15.75
N TYR B 116 9.21 1.86 14.52
CA TYR B 116 9.25 3.29 14.27
C TYR B 116 7.93 3.88 13.77
N TYR B 117 7.12 3.09 13.08
CA TYR B 117 6.05 3.66 12.22
C TYR B 117 4.61 3.29 12.60
N VAL B 118 4.45 2.53 13.68
CA VAL B 118 3.14 2.09 14.16
C VAL B 118 3.03 2.43 15.63
N SER B 119 1.86 2.85 16.10
CA SER B 119 1.66 3.10 17.54
C SER B 119 0.18 3.04 17.86
N GLU B 120 -0.17 2.87 19.14
CA GLU B 120 -1.56 2.92 19.60
C GLU B 120 -2.11 4.34 19.38
N GLY B 121 -1.29 5.34 19.69
CA GLY B 121 -1.64 6.73 19.43
C GLY B 121 -1.98 7.14 17.99
N MSE B 122 -1.14 6.74 17.04
CA MSE B 122 -1.37 7.09 15.64
C MSE B 122 -2.70 6.57 15.17
O MSE B 122 -3.35 7.19 14.32
CB MSE B 122 -0.23 6.50 14.81
CG MSE B 122 -0.37 6.83 13.32
SE MSE B 122 -1.34 5.39 12.40
CE MSE B 122 0.01 4.01 12.62
N GLN B 123 -3.12 5.43 15.72
CA GLN B 123 -4.36 4.74 15.33
C GLN B 123 -5.64 5.15 16.08
N GLU B 124 -5.53 5.81 17.23
CA GLU B 124 -6.71 6.17 18.05
C GLU B 124 -7.84 6.88 17.31
N PRO B 125 -7.52 7.87 16.46
CA PRO B 125 -8.55 8.61 15.75
C PRO B 125 -9.43 7.78 14.83
N LEU B 126 -9.04 6.53 14.54
CA LEU B 126 -9.87 5.67 13.68
C LEU B 126 -11.13 5.18 14.38
N LYS B 127 -11.24 5.42 15.69
CA LYS B 127 -12.54 5.29 16.38
C LYS B 127 -13.55 6.34 15.90
N TYR B 128 -13.06 7.48 15.41
CA TYR B 128 -13.90 8.65 15.15
C TYR B 128 -13.90 9.20 13.72
N VAL B 129 -12.94 8.80 12.87
CA VAL B 129 -12.87 9.31 11.49
C VAL B 129 -12.79 8.20 10.44
N GLY B 130 -12.97 8.57 9.18
CA GLY B 130 -13.04 7.61 8.07
C GLY B 130 -12.00 7.81 6.98
N ASP B 131 -12.32 7.34 5.77
CA ASP B 131 -11.38 7.36 4.66
C ASP B 131 -11.07 8.80 4.25
N ARG B 132 -9.77 9.07 4.03
CA ARG B 132 -9.27 10.39 3.59
CA ARG B 132 -9.26 10.39 3.60
C ARG B 132 -9.40 11.47 4.68
N ALA B 133 -9.72 11.05 5.89
CA ALA B 133 -9.76 11.96 7.02
C ALA B 133 -8.37 12.57 7.25
N LYS B 134 -8.34 13.73 7.91
CA LYS B 134 -7.10 14.43 8.25
C LYS B 134 -7.16 14.89 9.70
N VAL B 135 -6.06 14.69 10.43
CA VAL B 135 -6.01 14.99 11.85
C VAL B 135 -4.66 15.55 12.27
N LYS B 136 -4.63 16.14 13.46
CA LYS B 136 -3.43 16.65 14.11
C LYS B 136 -3.40 16.01 15.48
N MSE B 137 -2.21 15.67 15.98
CA MSE B 137 -2.14 15.00 17.28
C MSE B 137 -0.87 15.28 18.02
O MSE B 137 0.18 15.47 17.42
CB MSE B 137 -2.11 13.48 17.14
CG MSE B 137 -3.42 12.86 16.70
SE MSE B 137 -3.07 10.95 16.50
CE MSE B 137 -2.43 10.96 14.63
N ILE B 138 -0.99 15.30 19.35
CA ILE B 138 0.16 15.13 20.23
C ILE B 138 0.02 13.74 20.86
N VAL B 139 1.06 12.93 20.74
CA VAL B 139 1.03 11.55 21.22
C VAL B 139 2.15 11.37 22.24
N PRO B 140 1.79 11.12 23.51
CA PRO B 140 2.81 10.88 24.52
C PRO B 140 3.44 9.53 24.32
N PHE B 141 4.63 9.36 24.87
CA PHE B 141 5.45 8.24 24.55
C PHE B 141 4.88 6.89 24.95
N LYS B 142 4.03 6.82 25.97
CA LYS B 142 3.48 5.51 26.38
C LYS B 142 2.53 4.95 25.32
N ARG B 143 2.03 5.82 24.44
CA ARG B 143 1.15 5.44 23.36
C ARG B 143 1.87 5.57 22.01
N GLY B 144 3.18 5.77 22.05
CA GLY B 144 3.93 6.03 20.84
C GLY B 144 4.55 4.77 20.29
N ALA B 145 5.41 4.94 19.29
CA ALA B 145 6.13 3.83 18.70
C ALA B 145 7.18 3.38 19.70
N TYR B 146 7.59 2.12 19.62
CA TYR B 146 8.54 1.58 20.58
C TYR B 146 9.79 2.44 20.63
N ASN B 147 10.26 2.86 19.46
CA ASN B 147 11.40 3.77 19.38
C ASN B 147 11.25 4.92 20.36
N ASP B 148 10.06 5.54 20.36
CA ASP B 148 9.80 6.71 21.15
C ASP B 148 9.48 6.35 22.62
N GLN B 149 8.82 5.20 22.87
CA GLN B 149 8.63 4.69 24.25
C GLN B 149 9.96 4.61 24.94
N SER B 150 10.91 4.05 24.22
CA SER B 150 12.22 3.73 24.73
C SER B 150 13.04 4.99 25.04
N ASN B 151 12.92 6.03 24.22
CA ASN B 151 13.60 7.30 24.46
C ASN B 151 12.75 8.35 25.21
N GLY B 152 11.55 8.00 25.64
CA GLY B 152 10.67 8.93 26.35
C GLY B 152 10.23 10.14 25.56
N GLN B 153 10.06 9.97 24.24
CA GLN B 153 9.81 11.07 23.33
C GLN B 153 8.33 11.17 22.92
N PRO B 154 7.67 12.29 23.24
CA PRO B 154 6.36 12.55 22.68
C PRO B 154 6.57 13.05 21.27
N VAL B 155 5.56 12.90 20.42
CA VAL B 155 5.64 13.36 19.04
C VAL B 155 4.45 14.23 18.70
N TYR B 156 4.65 15.11 17.74
CA TYR B 156 3.59 15.97 17.24
C TYR B 156 3.37 15.64 15.79
N TYR B 157 2.15 15.25 15.46
CA TYR B 157 1.71 15.14 14.08
C TYR B 157 1.06 16.47 13.65
N GLU B 158 1.80 17.24 12.87
CA GLU B 158 1.30 18.49 12.31
C GLU B 158 0.13 18.23 11.38
N ILE B 159 0.15 17.08 10.71
CA ILE B 159 -0.95 16.68 9.82
C ILE B 159 -0.79 15.20 9.52
N LEU B 160 -1.91 14.50 9.44
CA LEU B 160 -1.91 13.08 9.12
C LEU B 160 -3.16 12.72 8.36
N GLU B 161 -2.99 12.02 7.23
CA GLU B 161 -4.09 11.63 6.37
C GLU B 161 -4.16 10.13 6.37
N TYR B 162 -5.38 9.58 6.56
CA TYR B 162 -5.61 8.14 6.50
C TYR B 162 -6.17 7.73 5.14
N ILE B 163 -5.70 6.60 4.63
CA ILE B 163 -6.17 6.03 3.38
C ILE B 163 -6.58 4.57 3.57
N PHE B 164 -7.83 4.22 3.25
CA PHE B 164 -8.28 2.83 3.34
C PHE B 164 -7.86 2.10 2.08
N GLU B 165 -7.06 1.06 2.21
CA GLU B 165 -6.51 0.38 1.03
C GLU B 165 -7.63 -0.31 0.23
N GLU B 166 -8.69 -0.77 0.90
CA GLU B 166 -9.73 -1.51 0.21
C GLU B 166 -10.51 -0.65 -0.80
N ASN B 167 -10.44 0.67 -0.67
CA ASN B 167 -11.17 1.55 -1.60
C ASN B 167 -10.31 2.05 -2.74
N LEU B 168 -9.06 1.62 -2.81
CA LEU B 168 -8.20 1.98 -3.93
C LEU B 168 -8.57 1.26 -5.21
#